data_3F61
#
_entry.id   3F61
#
_cell.length_a   38.981
_cell.length_b   51.542
_cell.length_c   152.434
_cell.angle_alpha   90.000
_cell.angle_beta   90.000
_cell.angle_gamma   90.000
#
_symmetry.space_group_name_H-M   'P 21 21 21'
#
loop_
_entity.id
_entity.type
_entity.pdbx_description
1 polymer 'Serine/threonine-protein kinase pknB'
2 non-polymer "ADENOSINE-5'-DIPHOSPHATE"
3 non-polymer 'MAGNESIUM ION'
4 water water
#
_entity_poly.entity_id   1
_entity_poly.type   'polypeptide(L)'
_entity_poly.pdbx_seq_one_letter_code
;GSHMTTPSHLSDRYELGEILGFGGMSEVHLARDLRDHRDVAVKVLRADLARDPSFYLRFRREAQNAAALNHPAIVAVYDT
GEAETPAGPLPYIVMEYVDGVTLRDIVHTEGPMTPKRAIEVIADACQALNFSHQNGIIHRDVKPANIMISATNAVKVMDF
GIARAIADSGNSVTQTAAVIGTAQYLSPEQARGDSVDARSDVYSLGCVLYEVLTGEPPFTGDSPDSVAYQHVREDPIPPS
ARHEGLSADLDAVVLKALAKNPENRYQTAAEMRADLVRVHNGEPPEAPKVLTDAERTSLLSSAAGNLSGPR
;
_entity_poly.pdbx_strand_id   A
#
# COMPACT_ATOMS: atom_id res chain seq x y z
N MET A 4 14.60 22.26 -13.10
CA MET A 4 13.41 21.58 -13.67
C MET A 4 12.31 21.53 -12.61
N THR A 5 11.14 22.06 -12.95
CA THR A 5 9.99 21.96 -12.05
C THR A 5 8.78 21.43 -12.82
N THR A 6 7.73 21.14 -12.08
CA THR A 6 6.48 20.67 -12.66
C THR A 6 5.67 21.88 -13.11
N PRO A 7 4.99 21.79 -14.27
CA PRO A 7 4.25 22.96 -14.74
C PRO A 7 3.05 23.34 -13.84
N SER A 8 2.52 24.54 -14.06
CA SER A 8 1.37 25.01 -13.27
C SER A 8 0.06 24.41 -13.76
N HIS A 9 0.04 24.03 -15.04
CA HIS A 9 -1.12 23.39 -15.65
C HIS A 9 -0.70 22.15 -16.43
N LEU A 10 -1.60 21.19 -16.51
CA LEU A 10 -1.41 20.02 -17.34
C LEU A 10 -2.57 19.92 -18.29
N SER A 11 -2.24 19.77 -19.57
CA SER A 11 -3.22 19.59 -20.65
C SER A 11 -4.36 20.59 -20.57
N ASP A 12 -4.05 21.86 -20.30
CA ASP A 12 -5.07 22.93 -20.25
C ASP A 12 -6.31 22.62 -19.42
N ARG A 13 -6.22 21.63 -18.54
CA ARG A 13 -7.41 21.18 -17.85
C ARG A 13 -7.18 21.11 -16.34
N TYR A 14 -5.98 20.64 -15.97
CA TYR A 14 -5.65 20.49 -14.56
C TYR A 14 -4.74 21.61 -14.10
N GLU A 15 -5.21 22.35 -13.10
CA GLU A 15 -4.43 23.42 -12.54
C GLU A 15 -3.88 22.99 -11.19
N LEU A 16 -2.56 22.84 -11.11
CA LEU A 16 -1.95 22.22 -9.97
C LEU A 16 -1.83 23.17 -8.80
N GLY A 17 -2.05 22.65 -7.58
CA GLY A 17 -1.93 23.44 -6.37
C GLY A 17 -0.81 22.88 -5.52
N GLU A 18 -1.10 22.55 -4.28
CA GLU A 18 -0.05 22.18 -3.35
C GLU A 18 0.45 20.77 -3.63
N ILE A 19 1.76 20.57 -3.42
CA ILE A 19 2.30 19.22 -3.53
C ILE A 19 1.82 18.40 -2.32
N LEU A 20 1.35 17.19 -2.57
CA LEU A 20 0.82 16.35 -1.53
C LEU A 20 1.82 15.30 -1.02
N GLY A 21 2.73 14.86 -1.88
CA GLY A 21 3.59 13.74 -1.51
C GLY A 21 4.51 13.38 -2.66
N PHE A 22 5.44 12.47 -2.40
CA PHE A 22 6.34 11.97 -3.46
C PHE A 22 6.76 10.58 -3.13
N GLY A 23 7.27 9.87 -4.13
CA GLY A 23 7.85 8.57 -3.92
C GLY A 23 9.12 8.49 -4.78
N GLY A 24 9.53 7.26 -5.06
CA GLY A 24 10.78 7.01 -5.74
C GLY A 24 10.71 7.37 -7.21
N MET A 25 9.50 7.58 -7.73
CA MET A 25 9.36 7.91 -9.15
C MET A 25 8.51 9.15 -9.39
N SER A 26 7.55 9.46 -8.49
CA SER A 26 6.47 10.39 -8.83
C SER A 26 6.32 11.47 -7.78
N GLU A 27 5.70 12.58 -8.18
CA GLU A 27 5.22 13.60 -7.23
C GLU A 27 3.73 13.59 -7.35
N VAL A 28 3.05 13.83 -6.22
CA VAL A 28 1.60 13.87 -6.25
C VAL A 28 1.12 15.27 -5.80
N HIS A 29 0.32 15.92 -6.66
CA HIS A 29 -0.12 17.29 -6.42
C HIS A 29 -1.64 17.34 -6.36
N LEU A 30 -2.17 18.20 -5.49
CA LEU A 30 -3.60 18.54 -5.57
C LEU A 30 -3.80 19.41 -6.81
N ALA A 31 -4.83 19.12 -7.59
CA ALA A 31 -5.12 19.91 -8.77
C ALA A 31 -6.61 20.20 -8.80
N ARG A 32 -6.95 21.31 -9.43
CA ARG A 32 -8.32 21.57 -9.79
C ARG A 32 -8.53 21.11 -11.22
N ASP A 33 -9.47 20.19 -11.41
CA ASP A 33 -9.94 19.79 -12.71
C ASP A 33 -10.91 20.89 -13.16
N LEU A 34 -10.43 21.75 -14.08
CA LEU A 34 -11.16 22.94 -14.52
C LEU A 34 -12.36 22.57 -15.40
N ARG A 35 -12.35 21.36 -15.94
CA ARG A 35 -13.41 20.91 -16.84
C ARG A 35 -14.59 20.30 -16.07
N ASP A 36 -14.29 19.56 -15.01
CA ASP A 36 -15.36 18.93 -14.23
C ASP A 36 -15.57 19.56 -12.86
N HIS A 37 -14.88 20.68 -12.58
CA HIS A 37 -15.01 21.34 -11.29
C HIS A 37 -14.81 20.39 -10.14
N ARG A 38 -13.65 19.74 -10.10
CA ARG A 38 -13.38 18.71 -9.13
C ARG A 38 -11.93 18.84 -8.66
N ASP A 39 -11.71 18.68 -7.36
CA ASP A 39 -10.36 18.56 -6.87
C ASP A 39 -9.90 17.12 -7.09
N VAL A 40 -8.71 16.97 -7.66
CA VAL A 40 -8.16 15.64 -7.91
C VAL A 40 -6.72 15.59 -7.43
N ALA A 41 -6.13 14.39 -7.36
CA ALA A 41 -4.69 14.25 -7.12
C ALA A 41 -4.05 13.87 -8.45
N VAL A 42 -3.05 14.60 -8.88
CA VAL A 42 -2.37 14.25 -10.11
C VAL A 42 -0.99 13.72 -9.75
N LYS A 43 -0.73 12.48 -10.15
CA LYS A 43 0.54 11.84 -9.96
C LYS A 43 1.36 12.08 -11.22
N VAL A 44 2.50 12.75 -11.10
CA VAL A 44 3.31 13.14 -12.28
CA VAL A 44 3.30 13.10 -12.29
C VAL A 44 4.69 12.53 -12.12
N LEU A 45 5.31 12.14 -13.21
CA LEU A 45 6.70 11.72 -13.14
C LEU A 45 7.50 12.85 -12.46
N ARG A 46 8.38 12.48 -11.53
CA ARG A 46 9.22 13.48 -10.85
C ARG A 46 10.01 14.38 -11.81
N ALA A 47 9.93 15.69 -11.58
CA ALA A 47 10.61 16.65 -12.43
C ALA A 47 12.11 16.36 -12.47
N ASP A 48 12.71 16.03 -11.33
CA ASP A 48 14.15 15.72 -11.31
C ASP A 48 14.52 14.39 -12.02
N LEU A 49 13.50 13.57 -12.30
CA LEU A 49 13.75 12.29 -12.96
C LEU A 49 13.17 12.23 -14.38
N ALA A 50 12.51 13.29 -14.85
CA ALA A 50 11.63 13.16 -16.02
C ALA A 50 12.37 12.94 -17.34
N ARG A 51 13.65 13.31 -17.38
CA ARG A 51 14.47 13.10 -18.59
C ARG A 51 15.25 11.79 -18.53
N ASP A 52 15.21 11.10 -17.39
CA ASP A 52 15.90 9.84 -17.22
C ASP A 52 15.12 8.73 -17.92
N PRO A 53 15.69 8.13 -18.97
CA PRO A 53 14.91 7.16 -19.74
C PRO A 53 14.33 6.02 -18.88
N SER A 54 15.10 5.49 -17.94
N SER A 54 15.11 5.49 -17.93
CA SER A 54 14.61 4.39 -17.09
CA SER A 54 14.61 4.40 -17.09
C SER A 54 13.34 4.77 -16.32
C SER A 54 13.33 4.78 -16.34
N PHE A 55 13.33 5.96 -15.73
CA PHE A 55 12.17 6.41 -14.97
C PHE A 55 11.01 6.80 -15.89
N TYR A 56 11.30 7.48 -17.00
CA TYR A 56 10.18 7.85 -17.90
C TYR A 56 9.46 6.59 -18.39
N LEU A 57 10.24 5.62 -18.86
CA LEU A 57 9.63 4.42 -19.43
C LEU A 57 8.88 3.63 -18.36
N ARG A 58 9.44 3.57 -17.15
CA ARG A 58 8.78 2.85 -16.06
C ARG A 58 7.45 3.52 -15.73
N PHE A 59 7.43 4.85 -15.75
CA PHE A 59 6.21 5.56 -15.44
C PHE A 59 5.12 5.22 -16.44
N ARG A 60 5.49 5.20 -17.71
CA ARG A 60 4.52 4.84 -18.76
C ARG A 60 4.05 3.38 -18.66
N ARG A 61 4.96 2.46 -18.37
CA ARG A 61 4.65 1.02 -18.25
CA ARG A 61 4.60 1.04 -18.30
C ARG A 61 3.69 0.76 -17.09
N GLU A 62 3.92 1.46 -15.99
CA GLU A 62 3.02 1.37 -14.85
C GLU A 62 1.65 2.06 -15.00
N ALA A 63 1.59 3.26 -15.61
CA ALA A 63 0.31 3.99 -15.80
C ALA A 63 -0.74 3.20 -16.57
N GLN A 64 -0.29 2.42 -17.57
CA GLN A 64 -1.22 1.62 -18.39
C GLN A 64 -1.67 0.39 -17.63
N ASN A 65 -1.03 0.13 -16.49
CA ASN A 65 -1.52 -0.99 -15.65
C ASN A 65 -2.20 -0.55 -14.35
N ALA A 66 -2.18 0.72 -14.00
CA ALA A 66 -2.73 1.12 -12.68
C ALA A 66 -4.24 0.89 -12.69
N ALA A 67 -4.73 0.01 -11.83
CA ALA A 67 -6.11 -0.45 -11.95
C ALA A 67 -7.13 0.63 -11.57
N ALA A 68 -8.17 0.72 -12.39
CA ALA A 68 -9.29 1.58 -12.09
C ALA A 68 -10.43 0.76 -11.47
N LEU A 69 -10.61 0.90 -10.17
CA LEU A 69 -11.63 0.13 -9.45
C LEU A 69 -12.59 1.10 -8.83
N ASN A 70 -13.85 0.69 -8.65
CA ASN A 70 -14.85 1.54 -8.05
C ASN A 70 -15.37 0.97 -6.70
N HIS A 71 -14.86 1.51 -5.60
CA HIS A 71 -15.17 1.07 -4.24
C HIS A 71 -14.82 2.18 -3.27
N PRO A 72 -15.65 2.34 -2.22
CA PRO A 72 -15.44 3.40 -1.26
C PRO A 72 -14.06 3.38 -0.61
N ALA A 73 -13.44 2.21 -0.55
CA ALA A 73 -12.17 2.07 0.14
C ALA A 73 -10.97 2.06 -0.82
N ILE A 74 -11.20 2.33 -2.10
CA ILE A 74 -10.16 2.30 -3.12
C ILE A 74 -10.14 3.68 -3.76
N VAL A 75 -8.93 4.25 -3.85
CA VAL A 75 -8.71 5.47 -4.64
C VAL A 75 -9.02 5.20 -6.11
N ALA A 76 -10.04 5.88 -6.63
CA ALA A 76 -10.39 5.84 -8.06
C ALA A 76 -9.29 6.42 -8.95
N VAL A 77 -9.13 5.84 -10.13
CA VAL A 77 -8.25 6.40 -11.17
C VAL A 77 -9.13 6.97 -12.29
N TYR A 78 -9.02 8.26 -12.56
CA TYR A 78 -9.91 8.96 -13.49
C TYR A 78 -9.35 8.99 -14.90
N ASP A 79 -8.03 9.13 -15.04
CA ASP A 79 -7.48 9.33 -16.37
C ASP A 79 -5.97 9.25 -16.36
N THR A 80 -5.38 9.09 -17.55
CA THR A 80 -3.93 9.19 -17.73
C THR A 80 -3.65 10.12 -18.88
N GLY A 81 -2.50 10.77 -18.87
CA GLY A 81 -2.20 11.71 -19.97
C GLY A 81 -0.73 12.03 -19.99
N GLU A 82 -0.35 12.97 -20.85
CA GLU A 82 1.05 13.41 -20.91
C GLU A 82 1.13 14.86 -21.40
N ALA A 83 1.82 15.70 -20.66
CA ALA A 83 1.92 17.10 -21.03
C ALA A 83 3.21 17.29 -21.80
N GLU A 84 3.15 18.13 -22.81
CA GLU A 84 4.39 18.52 -23.47
C GLU A 84 4.92 19.77 -22.78
N THR A 85 6.06 19.66 -22.13
CA THR A 85 6.66 20.80 -21.47
C THR A 85 7.87 21.24 -22.29
N PRO A 86 8.44 22.43 -22.00
CA PRO A 86 9.64 22.83 -22.75
C PRO A 86 10.84 21.93 -22.47
N ALA A 87 10.78 21.08 -21.45
CA ALA A 87 11.86 20.16 -21.18
C ALA A 87 11.57 18.77 -21.77
N GLY A 88 10.36 18.57 -22.29
CA GLY A 88 9.98 17.26 -22.84
C GLY A 88 8.68 16.73 -22.25
N PRO A 89 8.30 15.48 -22.60
CA PRO A 89 7.02 14.91 -22.20
C PRO A 89 6.97 14.63 -20.71
N LEU A 90 5.82 14.91 -20.10
CA LEU A 90 5.67 14.71 -18.68
C LEU A 90 4.41 13.91 -18.45
N PRO A 91 4.54 12.59 -18.26
CA PRO A 91 3.34 11.74 -18.17
C PRO A 91 2.72 11.85 -16.77
N TYR A 92 1.42 11.61 -16.68
CA TYR A 92 0.74 11.68 -15.39
C TYR A 92 -0.49 10.79 -15.31
N ILE A 93 -0.98 10.63 -14.07
CA ILE A 93 -2.20 9.90 -13.84
CA ILE A 93 -2.17 9.85 -13.77
C ILE A 93 -3.05 10.73 -12.88
N VAL A 94 -4.33 10.81 -13.20
CA VAL A 94 -5.26 11.64 -12.44
C VAL A 94 -6.10 10.71 -11.59
N MET A 95 -6.17 11.00 -10.30
CA MET A 95 -6.93 10.10 -9.45
C MET A 95 -7.71 10.84 -8.39
N GLU A 96 -8.50 10.06 -7.68
CA GLU A 96 -9.24 10.53 -6.52
C GLU A 96 -8.27 11.16 -5.48
N TYR A 97 -8.59 12.37 -5.06
CA TYR A 97 -7.82 13.06 -4.05
C TYR A 97 -8.28 12.58 -2.68
N VAL A 98 -7.31 12.21 -1.84
CA VAL A 98 -7.54 11.95 -0.42
C VAL A 98 -6.88 13.05 0.40
N ASP A 99 -7.68 13.75 1.21
CA ASP A 99 -7.15 14.71 2.17
C ASP A 99 -6.89 13.89 3.41
N GLY A 100 -5.63 13.60 3.69
CA GLY A 100 -5.30 12.73 4.82
C GLY A 100 -3.84 12.38 4.91
N VAL A 101 -3.54 11.24 5.54
CA VAL A 101 -2.14 10.85 5.74
C VAL A 101 -2.01 9.38 5.39
N THR A 102 -0.82 8.98 4.93
CA THR A 102 -0.60 7.56 4.70
C THR A 102 -0.25 6.87 6.01
N LEU A 103 -0.35 5.54 6.06
CA LEU A 103 0.12 4.82 7.25
C LEU A 103 1.62 4.99 7.48
N ARG A 104 2.37 5.14 6.38
CA ARG A 104 3.77 5.45 6.48
C ARG A 104 3.97 6.76 7.24
N ASP A 105 3.18 7.79 6.88
CA ASP A 105 3.21 9.10 7.58
C ASP A 105 2.92 8.91 9.07
N ILE A 106 1.82 8.22 9.37
CA ILE A 106 1.33 8.05 10.75
C ILE A 106 2.34 7.33 11.63
N VAL A 107 2.90 6.23 11.13
CA VAL A 107 3.80 5.45 11.96
C VAL A 107 5.07 6.23 12.20
N HIS A 108 5.48 7.00 11.21
CA HIS A 108 6.67 7.80 11.39
C HIS A 108 6.45 8.92 12.41
N THR A 109 5.30 9.62 12.32
CA THR A 109 5.08 10.82 13.14
C THR A 109 4.43 10.50 14.49
N GLU A 110 3.59 9.49 14.54
CA GLU A 110 2.86 9.17 15.76
C GLU A 110 3.28 7.86 16.42
N GLY A 111 4.12 7.08 15.75
CA GLY A 111 4.47 5.75 16.23
C GLY A 111 3.35 4.74 16.05
N PRO A 112 3.44 3.60 16.75
CA PRO A 112 2.43 2.55 16.66
C PRO A 112 1.04 3.07 16.94
N MET A 113 0.03 2.59 16.21
CA MET A 113 -1.36 2.90 16.53
C MET A 113 -1.84 2.06 17.71
N THR A 114 -2.89 2.51 18.41
CA THR A 114 -3.55 1.62 19.37
C THR A 114 -3.95 0.36 18.63
N PRO A 115 -3.95 -0.79 19.31
CA PRO A 115 -4.30 -2.00 18.61
C PRO A 115 -5.70 -1.96 17.99
N LYS A 116 -6.70 -1.42 18.70
CA LYS A 116 -8.04 -1.39 18.11
C LYS A 116 -8.06 -0.58 16.83
N ARG A 117 -7.30 0.50 16.80
CA ARG A 117 -7.31 1.36 15.63
C ARG A 117 -6.57 0.67 14.48
N ALA A 118 -5.41 0.11 14.78
CA ALA A 118 -4.70 -0.71 13.77
C ALA A 118 -5.63 -1.79 13.20
N ILE A 119 -6.37 -2.49 14.07
CA ILE A 119 -7.26 -3.53 13.61
C ILE A 119 -8.34 -2.96 12.68
N GLU A 120 -8.93 -1.82 13.07
CA GLU A 120 -10.00 -1.21 12.29
C GLU A 120 -9.48 -0.84 10.90
N VAL A 121 -8.31 -0.23 10.87
CA VAL A 121 -7.75 0.30 9.61
C VAL A 121 -7.39 -0.86 8.70
N ILE A 122 -6.76 -1.88 9.27
CA ILE A 122 -6.42 -3.04 8.44
C ILE A 122 -7.66 -3.82 8.05
N ALA A 123 -8.65 -3.93 8.95
CA ALA A 123 -9.91 -4.56 8.53
C ALA A 123 -10.56 -3.85 7.33
N ASP A 124 -10.54 -2.52 7.32
CA ASP A 124 -11.11 -1.79 6.17
C ASP A 124 -10.26 -2.04 4.90
N ALA A 125 -8.95 -2.12 5.07
CA ALA A 125 -8.10 -2.39 3.92
C ALA A 125 -8.45 -3.77 3.35
N CYS A 126 -8.82 -4.73 4.21
CA CYS A 126 -9.24 -6.05 3.72
C CYS A 126 -10.43 -5.96 2.77
N GLN A 127 -11.38 -5.08 3.09
CA GLN A 127 -12.53 -4.94 2.24
C GLN A 127 -12.16 -4.42 0.86
N ALA A 128 -11.21 -3.48 0.81
CA ALA A 128 -10.70 -2.99 -0.51
C ALA A 128 -10.06 -4.11 -1.31
N LEU A 129 -9.20 -4.89 -0.66
CA LEU A 129 -8.53 -6.05 -1.27
C LEU A 129 -9.53 -7.09 -1.71
N ASN A 130 -10.50 -7.39 -0.85
CA ASN A 130 -11.54 -8.34 -1.20
C ASN A 130 -12.22 -7.92 -2.51
N PHE A 131 -12.60 -6.64 -2.59
CA PHE A 131 -13.27 -6.13 -3.78
C PHE A 131 -12.36 -6.30 -4.99
N SER A 132 -11.11 -5.89 -4.83
CA SER A 132 -10.15 -6.03 -5.90
C SER A 132 -10.05 -7.47 -6.41
N HIS A 133 -9.81 -8.39 -5.49
CA HIS A 133 -9.63 -9.80 -5.85
C HIS A 133 -10.85 -10.36 -6.58
N GLN A 134 -12.03 -9.97 -6.12
CA GLN A 134 -13.27 -10.44 -6.74
C GLN A 134 -13.34 -9.95 -8.19
N ASN A 135 -12.58 -8.90 -8.47
CA ASN A 135 -12.60 -8.29 -9.78
C ASN A 135 -11.38 -8.66 -10.59
N GLY A 136 -10.70 -9.71 -10.18
CA GLY A 136 -9.54 -10.24 -10.88
C GLY A 136 -8.28 -9.41 -10.80
N ILE A 137 -8.15 -8.57 -9.79
CA ILE A 137 -6.97 -7.72 -9.69
C ILE A 137 -6.24 -7.99 -8.38
N ILE A 138 -5.00 -8.48 -8.49
CA ILE A 138 -4.12 -8.56 -7.32
C ILE A 138 -3.51 -7.16 -7.11
N HIS A 139 -3.42 -6.70 -5.85
CA HIS A 139 -2.84 -5.37 -5.62
C HIS A 139 -1.35 -5.33 -5.98
N ARG A 140 -0.57 -6.24 -5.38
CA ARG A 140 0.86 -6.49 -5.64
C ARG A 140 1.83 -5.57 -4.93
N ASP A 141 1.36 -4.46 -4.40
CA ASP A 141 2.28 -3.51 -3.77
C ASP A 141 1.65 -2.95 -2.48
N VAL A 142 1.05 -3.82 -1.68
CA VAL A 142 0.47 -3.37 -0.42
C VAL A 142 1.65 -2.99 0.48
N LYS A 143 1.61 -1.77 1.00
CA LYS A 143 2.66 -1.18 1.83
C LYS A 143 2.07 0.04 2.52
N PRO A 144 2.73 0.52 3.58
CA PRO A 144 2.15 1.65 4.31
C PRO A 144 1.86 2.92 3.45
N ALA A 145 2.70 3.24 2.47
CA ALA A 145 2.44 4.46 1.68
C ALA A 145 1.24 4.33 0.72
N ASN A 146 0.78 3.10 0.51
CA ASN A 146 -0.38 2.86 -0.33
C ASN A 146 -1.71 2.75 0.42
N ILE A 147 -1.70 3.12 1.71
CA ILE A 147 -2.93 3.10 2.43
C ILE A 147 -3.01 4.42 3.16
N MET A 148 -4.13 5.12 3.01
CA MET A 148 -4.29 6.41 3.67
C MET A 148 -5.51 6.40 4.59
N ILE A 149 -5.47 7.26 5.60
CA ILE A 149 -6.66 7.54 6.41
C ILE A 149 -7.03 9.00 6.18
N SER A 150 -8.26 9.24 5.74
CA SER A 150 -8.65 10.60 5.38
C SER A 150 -8.94 11.41 6.63
N ALA A 151 -9.09 12.71 6.46
CA ALA A 151 -9.40 13.60 7.57
C ALA A 151 -10.74 13.25 8.23
N THR A 152 -11.61 12.51 7.53
CA THR A 152 -12.85 12.02 8.12
C THR A 152 -12.74 10.55 8.52
N ASN A 153 -11.50 10.10 8.71
CA ASN A 153 -11.17 8.73 9.14
C ASN A 153 -11.59 7.56 8.26
N ALA A 154 -11.73 7.80 6.96
CA ALA A 154 -12.02 6.71 6.05
C ALA A 154 -10.71 6.11 5.51
N VAL A 155 -10.66 4.79 5.39
CA VAL A 155 -9.47 4.09 4.87
C VAL A 155 -9.53 4.07 3.34
N LYS A 156 -8.42 4.47 2.71
CA LYS A 156 -8.33 4.55 1.24
C LYS A 156 -7.09 3.78 0.81
N VAL A 157 -7.26 2.74 -0.01
CA VAL A 157 -6.16 1.92 -0.46
C VAL A 157 -5.95 2.29 -1.94
N MET A 158 -4.70 2.40 -2.37
CA MET A 158 -4.46 2.91 -3.70
C MET A 158 -3.33 2.18 -4.43
N ASP A 159 -3.24 2.43 -5.73
CA ASP A 159 -2.13 1.94 -6.59
C ASP A 159 -2.13 0.43 -6.72
N PHE A 160 -3.25 -0.07 -7.23
CA PHE A 160 -3.47 -1.50 -7.40
C PHE A 160 -2.94 -1.99 -8.75
N GLY A 161 -2.43 -3.21 -8.77
CA GLY A 161 -2.31 -3.98 -10.01
C GLY A 161 -1.02 -3.80 -10.79
N ILE A 162 -0.04 -3.14 -10.19
CA ILE A 162 1.23 -2.89 -10.89
C ILE A 162 2.30 -3.88 -10.48
N ALA A 163 2.72 -4.72 -11.41
CA ALA A 163 3.58 -5.86 -11.06
C ALA A 163 5.06 -5.50 -10.91
N ALA A 183 11.75 -3.58 -0.11
CA ALA A 183 11.52 -5.01 -0.04
C ALA A 183 10.86 -5.33 1.27
N GLN A 184 10.59 -4.32 2.08
CA GLN A 184 10.05 -4.57 3.40
C GLN A 184 8.68 -5.22 3.37
N TYR A 185 7.97 -5.10 2.24
CA TYR A 185 6.57 -5.54 2.18
C TYR A 185 6.33 -6.63 1.15
N LEU A 186 7.41 -7.09 0.52
CA LEU A 186 7.37 -8.18 -0.49
C LEU A 186 6.92 -9.49 0.13
N SER A 187 6.09 -10.25 -0.56
CA SER A 187 5.83 -11.61 -0.12
C SER A 187 6.97 -12.52 -0.54
N PRO A 188 7.10 -13.65 0.16
CA PRO A 188 8.16 -14.61 -0.15
C PRO A 188 8.10 -14.98 -1.63
N GLU A 189 6.89 -15.22 -2.15
CA GLU A 189 6.74 -15.58 -3.57
C GLU A 189 7.17 -14.46 -4.52
N GLN A 190 6.91 -13.21 -4.16
CA GLN A 190 7.42 -12.12 -4.99
C GLN A 190 8.96 -12.12 -4.97
N ALA A 191 9.52 -12.25 -3.78
CA ALA A 191 10.98 -12.33 -3.59
C ALA A 191 11.63 -13.44 -4.40
N ARG A 192 10.92 -14.57 -4.53
CA ARG A 192 11.44 -15.74 -5.26
C ARG A 192 11.13 -15.69 -6.74
N GLY A 193 10.36 -14.70 -7.18
CA GLY A 193 9.82 -14.68 -8.54
C GLY A 193 8.87 -15.82 -8.91
N ASP A 194 8.15 -16.36 -7.92
CA ASP A 194 7.11 -17.37 -8.19
C ASP A 194 5.81 -16.65 -8.52
N SER A 195 4.74 -17.40 -8.77
N SER A 195 4.74 -17.40 -8.77
CA SER A 195 3.45 -16.78 -9.08
CA SER A 195 3.45 -16.79 -9.08
C SER A 195 2.92 -16.07 -7.84
C SER A 195 2.89 -16.08 -7.85
N VAL A 196 2.29 -14.91 -8.06
CA VAL A 196 1.68 -14.21 -6.95
C VAL A 196 0.16 -14.25 -7.12
N ASP A 197 -0.56 -14.34 -6.00
CA ASP A 197 -2.01 -14.38 -6.04
C ASP A 197 -2.58 -13.65 -4.80
N ALA A 198 -3.88 -13.74 -4.54
CA ALA A 198 -4.44 -12.98 -3.44
C ALA A 198 -3.71 -13.19 -2.10
N ARG A 199 -3.16 -14.37 -1.87
CA ARG A 199 -2.48 -14.63 -0.60
C ARG A 199 -1.21 -13.82 -0.48
N SER A 200 -0.68 -13.37 -1.61
N SER A 200 -0.68 -13.39 -1.62
CA SER A 200 0.48 -12.46 -1.58
CA SER A 200 0.46 -12.46 -1.60
C SER A 200 0.07 -11.13 -0.97
C SER A 200 0.05 -11.14 -0.94
N ASP A 201 -1.12 -10.64 -1.34
CA ASP A 201 -1.62 -9.40 -0.77
C ASP A 201 -1.87 -9.58 0.73
N VAL A 202 -2.38 -10.75 1.13
CA VAL A 202 -2.62 -11.06 2.54
C VAL A 202 -1.31 -10.93 3.32
N TYR A 203 -0.26 -11.55 2.80
CA TYR A 203 1.02 -11.49 3.47
C TYR A 203 1.54 -10.04 3.53
N SER A 204 1.45 -9.29 2.44
CA SER A 204 1.95 -7.93 2.48
C SER A 204 1.12 -7.04 3.44
N LEU A 205 -0.20 -7.25 3.42
CA LEU A 205 -1.01 -6.56 4.42
C LEU A 205 -0.63 -6.96 5.85
N GLY A 206 -0.31 -8.24 6.06
CA GLY A 206 0.28 -8.67 7.34
C GLY A 206 1.54 -7.89 7.73
N CYS A 207 2.43 -7.61 6.75
CA CYS A 207 3.57 -6.74 7.00
C CYS A 207 3.17 -5.36 7.47
N VAL A 208 2.14 -4.78 6.82
CA VAL A 208 1.66 -3.44 7.21
C VAL A 208 1.05 -3.47 8.61
N LEU A 209 0.21 -4.47 8.85
CA LEU A 209 -0.40 -4.65 10.18
C LEU A 209 0.70 -4.74 11.26
N TYR A 210 1.72 -5.55 10.99
CA TYR A 210 2.84 -5.72 11.93
C TYR A 210 3.44 -4.37 12.27
N GLU A 211 3.63 -3.55 11.24
CA GLU A 211 4.27 -2.28 11.44
C GLU A 211 3.43 -1.23 12.15
N VAL A 212 2.13 -1.14 11.82
CA VAL A 212 1.27 -0.19 12.54
C VAL A 212 1.11 -0.64 14.01
N LEU A 213 1.26 -1.93 14.26
CA LEU A 213 1.10 -2.43 15.65
C LEU A 213 2.34 -2.20 16.51
N THR A 214 3.51 -2.47 15.93
CA THR A 214 4.80 -2.44 16.66
C THR A 214 5.62 -1.19 16.42
N GLY A 215 5.38 -0.51 15.30
CA GLY A 215 6.18 0.63 14.90
C GLY A 215 7.30 0.29 13.95
N GLU A 216 7.51 -1.00 13.71
CA GLU A 216 8.58 -1.47 12.84
C GLU A 216 8.05 -2.49 11.84
N PRO A 217 8.63 -2.55 10.63
CA PRO A 217 8.27 -3.65 9.74
C PRO A 217 8.83 -4.97 10.29
N PRO A 218 8.32 -6.10 9.82
CA PRO A 218 8.79 -7.32 10.45
C PRO A 218 10.28 -7.59 10.20
N PHE A 219 10.77 -7.21 9.03
CA PHE A 219 12.16 -7.46 8.69
C PHE A 219 12.84 -6.18 8.21
N THR A 220 14.02 -5.91 8.79
CA THR A 220 14.89 -4.85 8.33
C THR A 220 16.29 -5.42 8.03
N GLY A 221 17.04 -4.75 7.17
CA GLY A 221 18.43 -5.16 6.90
C GLY A 221 19.22 -4.09 6.16
N ASP A 222 20.48 -4.40 5.88
N ASP A 222 20.48 -4.39 5.84
CA ASP A 222 21.40 -3.47 5.21
CA ASP A 222 21.34 -3.38 5.24
C ASP A 222 20.96 -3.17 3.78
C ASP A 222 21.23 -3.30 3.70
N SER A 223 20.44 -4.21 3.12
CA SER A 223 20.11 -4.13 1.71
C SER A 223 18.70 -4.68 1.49
N PRO A 224 18.10 -4.37 0.34
CA PRO A 224 16.90 -4.99 -0.16
C PRO A 224 17.02 -6.52 -0.21
N ASP A 225 18.15 -7.01 -0.70
CA ASP A 225 18.32 -8.46 -0.86
C ASP A 225 18.36 -9.17 0.51
N SER A 226 18.90 -8.51 1.53
CA SER A 226 18.91 -9.10 2.84
C SER A 226 17.49 -9.16 3.39
N VAL A 227 16.72 -8.10 3.15
CA VAL A 227 15.32 -8.11 3.61
C VAL A 227 14.52 -9.18 2.87
N ALA A 228 14.72 -9.31 1.56
CA ALA A 228 14.06 -10.36 0.79
C ALA A 228 14.42 -11.74 1.31
N TYR A 229 15.68 -11.92 1.67
CA TYR A 229 16.12 -13.18 2.18
C TYR A 229 15.34 -13.54 3.45
N GLN A 230 15.12 -12.55 4.30
CA GLN A 230 14.40 -12.80 5.53
C GLN A 230 12.94 -13.18 5.31
N HIS A 231 12.28 -12.53 4.34
CA HIS A 231 10.91 -12.92 3.97
C HIS A 231 10.89 -14.38 3.57
N VAL A 232 11.91 -14.81 2.86
CA VAL A 232 11.88 -16.20 2.42
C VAL A 232 12.18 -17.20 3.54
N ARG A 233 13.14 -16.90 4.40
CA ARG A 233 13.70 -17.94 5.27
C ARG A 233 13.55 -17.76 6.76
N GLU A 234 13.31 -16.53 7.23
CA GLU A 234 13.29 -16.31 8.67
C GLU A 234 11.92 -15.95 9.24
N ASP A 235 11.62 -16.50 10.42
CA ASP A 235 10.38 -16.20 11.11
C ASP A 235 10.37 -14.78 11.71
N PRO A 236 9.26 -14.06 11.58
CA PRO A 236 9.12 -12.79 12.23
C PRO A 236 9.12 -12.99 13.74
N ILE A 237 9.65 -12.03 14.47
CA ILE A 237 9.52 -11.96 15.93
C ILE A 237 8.06 -11.58 16.20
N PRO A 238 7.37 -12.33 17.07
CA PRO A 238 5.98 -12.04 17.39
C PRO A 238 5.83 -10.58 17.79
N PRO A 239 4.76 -9.91 17.31
CA PRO A 239 4.56 -8.50 17.62
C PRO A 239 4.64 -8.23 19.13
N SER A 240 4.07 -9.11 19.94
CA SER A 240 4.06 -8.85 21.39
C SER A 240 5.46 -8.76 21.98
N ALA A 241 6.45 -9.30 21.30
CA ALA A 241 7.81 -9.19 21.79
C ALA A 241 8.47 -7.88 21.36
N ARG A 242 7.89 -7.20 20.37
CA ARG A 242 8.48 -5.98 19.82
C ARG A 242 7.94 -4.72 20.48
N HIS A 243 6.79 -4.83 21.12
CA HIS A 243 6.08 -3.67 21.67
C HIS A 243 5.06 -4.10 22.71
N GLU A 244 4.93 -3.30 23.78
CA GLU A 244 3.99 -3.56 24.88
C GLU A 244 2.50 -3.41 24.52
N GLY A 245 1.67 -4.22 25.17
CA GLY A 245 0.24 -4.05 25.09
C GLY A 245 -0.37 -4.77 23.90
N LEU A 246 0.40 -5.70 23.33
CA LEU A 246 -0.11 -6.53 22.25
C LEU A 246 -0.42 -7.93 22.76
N SER A 247 -1.61 -8.41 22.42
CA SER A 247 -2.08 -9.71 22.90
C SER A 247 -1.57 -10.89 22.09
N ALA A 248 -1.58 -12.06 22.72
CA ALA A 248 -1.28 -13.30 22.03
C ALA A 248 -2.28 -13.58 20.88
N ASP A 249 -3.53 -13.15 21.05
CA ASP A 249 -4.52 -13.31 20.00
C ASP A 249 -4.12 -12.50 18.76
N LEU A 250 -3.63 -11.29 18.99
CA LEU A 250 -3.13 -10.46 17.87
C LEU A 250 -1.90 -11.11 17.26
N ASP A 251 -0.97 -11.57 18.10
CA ASP A 251 0.16 -12.36 17.59
C ASP A 251 -0.29 -13.44 16.62
N ALA A 252 -1.33 -14.19 16.98
CA ALA A 252 -1.79 -15.34 16.18
C ALA A 252 -2.28 -14.89 14.80
N VAL A 253 -3.04 -13.78 14.77
CA VAL A 253 -3.54 -13.27 13.48
C VAL A 253 -2.41 -12.74 12.59
N VAL A 254 -1.52 -11.92 13.16
CA VAL A 254 -0.42 -11.34 12.41
C VAL A 254 0.48 -12.42 11.84
N LEU A 255 0.79 -13.42 12.65
CA LEU A 255 1.72 -14.46 12.24
CA LEU A 255 1.73 -14.43 12.20
C LEU A 255 1.09 -15.45 11.24
N LYS A 256 -0.22 -15.59 11.27
CA LYS A 256 -0.88 -16.39 10.25
C LYS A 256 -0.78 -15.66 8.91
N ALA A 257 -1.05 -14.35 8.91
CA ALA A 257 -0.95 -13.61 7.64
C ALA A 257 0.47 -13.71 7.07
N LEU A 258 1.44 -13.78 7.99
CA LEU A 258 2.83 -13.79 7.61
C LEU A 258 3.42 -15.20 7.46
N ALA A 259 2.56 -16.23 7.41
CA ALA A 259 3.07 -17.59 7.23
C ALA A 259 3.87 -17.67 5.93
N LYS A 260 4.99 -18.38 5.91
CA LYS A 260 5.78 -18.50 4.67
C LYS A 260 5.03 -19.13 3.50
N ASN A 261 4.35 -20.25 3.76
CA ASN A 261 3.64 -21.01 2.76
C ASN A 261 2.27 -20.42 2.57
N PRO A 262 1.92 -19.99 1.33
CA PRO A 262 0.61 -19.39 1.06
C PRO A 262 -0.56 -20.21 1.59
N GLU A 263 -0.40 -21.54 1.63
CA GLU A 263 -1.45 -22.45 2.09
C GLU A 263 -1.76 -22.28 3.57
N ASN A 264 -0.78 -21.78 4.33
CA ASN A 264 -0.93 -21.58 5.79
C ASN A 264 -1.39 -20.16 6.23
N ARG A 265 -1.47 -19.24 5.27
CA ARG A 265 -1.97 -17.89 5.55
C ARG A 265 -3.49 -17.91 5.57
N TYR A 266 -4.10 -16.75 5.80
CA TYR A 266 -5.51 -16.59 5.39
C TYR A 266 -5.58 -16.75 3.86
N GLN A 267 -6.60 -17.47 3.38
CA GLN A 267 -6.68 -17.73 1.96
C GLN A 267 -7.26 -16.57 1.18
N THR A 268 -8.03 -15.72 1.86
CA THR A 268 -8.67 -14.59 1.23
C THR A 268 -8.57 -13.40 2.16
N ALA A 269 -8.66 -12.20 1.60
CA ALA A 269 -8.71 -10.99 2.42
C ALA A 269 -9.90 -11.07 3.38
N ALA A 270 -11.02 -11.64 2.92
CA ALA A 270 -12.22 -11.78 3.73
C ALA A 270 -11.96 -12.60 5.01
N GLU A 271 -11.19 -13.67 4.89
CA GLU A 271 -10.87 -14.52 6.05
C GLU A 271 -10.00 -13.78 7.04
N MET A 272 -8.99 -13.04 6.53
CA MET A 272 -8.17 -12.22 7.40
C MET A 272 -9.03 -11.20 8.16
N ARG A 273 -9.95 -10.57 7.44
CA ARG A 273 -10.81 -9.58 8.06
C ARG A 273 -11.67 -10.22 9.14
N ALA A 274 -12.22 -11.39 8.83
CA ALA A 274 -13.07 -12.11 9.83
C ALA A 274 -12.30 -12.33 11.14
N ASP A 275 -11.02 -12.71 11.04
CA ASP A 275 -10.22 -12.90 12.25
C ASP A 275 -9.91 -11.59 12.94
N LEU A 276 -9.67 -10.52 12.17
CA LEU A 276 -9.46 -9.21 12.77
C LEU A 276 -10.70 -8.74 13.53
N VAL A 277 -11.86 -8.97 12.93
CA VAL A 277 -13.16 -8.60 13.58
C VAL A 277 -13.31 -9.38 14.90
N ARG A 278 -13.09 -10.69 14.85
CA ARG A 278 -13.08 -11.49 16.09
C ARG A 278 -12.29 -10.82 17.20
N VAL A 279 -11.04 -10.47 16.91
CA VAL A 279 -10.16 -9.91 17.92
C VAL A 279 -10.65 -8.54 18.36
N HIS A 280 -11.18 -7.77 17.41
CA HIS A 280 -11.72 -6.47 17.74
C HIS A 280 -12.82 -6.60 18.81
N ASN A 281 -13.60 -7.68 18.70
CA ASN A 281 -14.72 -7.93 19.60
C ASN A 281 -14.35 -8.80 20.79
N GLY A 282 -13.05 -8.94 21.05
CA GLY A 282 -12.54 -9.75 22.17
C GLY A 282 -12.90 -11.22 22.08
N GLU A 283 -13.14 -11.73 20.88
CA GLU A 283 -13.40 -13.15 20.67
C GLU A 283 -12.12 -13.83 20.20
N PRO A 284 -11.98 -15.15 20.45
CA PRO A 284 -10.75 -15.82 20.01
C PRO A 284 -10.67 -15.95 18.48
N PRO A 285 -9.49 -15.63 17.90
CA PRO A 285 -9.33 -15.76 16.46
C PRO A 285 -9.25 -17.23 16.10
N GLU A 286 -9.50 -17.59 14.86
CA GLU A 286 -9.36 -18.96 14.46
C GLU A 286 -7.91 -19.34 14.11
N ALA A 287 -7.02 -18.34 14.01
CA ALA A 287 -5.59 -18.56 13.72
C ALA A 287 -4.94 -19.45 14.79
N PRO A 288 -3.95 -20.25 14.39
CA PRO A 288 -3.22 -21.07 15.36
C PRO A 288 -2.63 -20.24 16.48
N LYS A 289 -2.74 -20.73 17.71
CA LYS A 289 -2.17 -19.99 18.84
C LYS A 289 -0.66 -19.86 18.74
N VAL A 290 -0.13 -18.77 19.27
CA VAL A 290 1.30 -18.56 19.28
C VAL A 290 1.74 -18.34 20.73
N LEU A 291 2.73 -19.11 21.19
CA LEU A 291 3.21 -18.99 22.59
C LEU A 291 4.61 -18.35 22.69
N THR A 292 4.77 -17.41 23.62
CA THR A 292 6.08 -16.81 23.86
C THR A 292 6.52 -16.93 25.30
N ASP A 293 7.81 -16.64 25.53
CA ASP A 293 8.44 -16.56 26.87
C ASP A 293 9.40 -17.72 27.20
#